data_8F9O
#
_entry.id   8F9O
#
_cell.length_a   111.702
_cell.length_b   112.480
_cell.length_c   122.243
_cell.angle_alpha   90.000
_cell.angle_beta   90.000
_cell.angle_gamma   90.000
#
_symmetry.space_group_name_H-M   'I 2 2 2'
#
loop_
_entity.id
_entity.type
_entity.pdbx_description
1 polymer 'Sialic acid acetylesterase'
2 branched alpha-D-mannopyranose-(1-3)-[alpha-D-mannopyranose-(1-6)]beta-D-mannopyranose-(1-4)-2-acetamido-2-deoxy-beta-D-glucopyranose-(1-4)-[alpha-L-fucopyranose-(1-6)]2-acetamido-2-deoxy-beta-D-glucopyranose
3 branched alpha-D-mannopyranose-(1-3)-beta-D-mannopyranose-(1-4)-2-acetamido-2-deoxy-beta-D-glucopyranose-(1-4)-2-acetamido-2-deoxy-beta-D-glucopyranose
4 branched beta-D-mannopyranose-(1-4)-2-acetamido-2-deoxy-beta-D-glucopyranose-(1-4)-2-acetamido-2-deoxy-beta-D-glucopyranose
5 branched 2-acetamido-2-deoxy-beta-D-glucopyranose-(1-4)-2-acetamido-2-deoxy-beta-D-glucopyranose
6 non-polymer 2-acetamido-2-deoxy-beta-D-glucopyranose
7 water water
#
_entity_poly.entity_id   1
_entity_poly.type   'polypeptide(L)'
_entity_poly.pdbx_seq_one_letter_code
;DRHHHHHHKLVGFRFASYINNYMVLQKEPAGAVIWGYGTSEATVTVTLYRDQETIMEKVTSVKAHSNSWMVVLDPMKPGG
PYEVMAQQTFGKTNFTLRVHDVLFGDVWLCSGQSNMQMTVSQIFNATRELANTAAYQSVRIFSVSLIQAEQELEDLAKVD
LQWAKPTTENLGHGIFQYMSAVCWLFGRNLYDTLQYPIGLISSSWGGTPIEAWSSERSLKACGVPTQGFTQSNSVTGPSN
HSVLWNAMIHPLHNMTLKGVIWYQGESNMNFNRDLYNCTFPALIEDWRQTFHHGSQGQTERFFPFGFVQLSSYLSAPSDD
TFPQIRWHQTADFGYVPNLRMPNTFMAVAMDLCDRKSPFGSIHPRDKQTVAYRLHLGARAVAYGEKVIFQGPLPEKMELL
ADKGLLNLMYSQEIQVQRQDKIFEISCCSDHQCKWLPAPMDAFSAQTLTLSTGSCHGTLAAVRYAWATWPCEYKQCPIYH
PSSTLPAPPFIAFMTN
;
_entity_poly.pdbx_strand_id   A
#
# COMPACT_ATOMS: atom_id res chain seq x y z
N LYS A 9 11.56 -28.80 -28.59
CA LYS A 9 10.94 -27.90 -27.66
C LYS A 9 10.39 -26.70 -28.46
N LEU A 10 9.08 -26.56 -28.48
CA LEU A 10 8.39 -25.58 -29.31
C LEU A 10 7.75 -24.62 -28.32
N VAL A 11 8.23 -23.36 -28.32
CA VAL A 11 7.80 -22.32 -27.39
C VAL A 11 7.22 -21.18 -28.18
N GLY A 12 5.97 -20.85 -27.91
CA GLY A 12 5.32 -19.75 -28.58
C GLY A 12 5.99 -18.41 -28.30
N PHE A 13 6.00 -17.58 -29.31
CA PHE A 13 6.48 -16.20 -29.19
C PHE A 13 5.34 -15.37 -28.61
N ARG A 14 5.54 -14.88 -27.38
CA ARG A 14 4.48 -14.23 -26.64
C ARG A 14 5.09 -13.18 -25.73
N PHE A 15 4.26 -12.21 -25.33
CA PHE A 15 4.68 -11.27 -24.32
C PHE A 15 4.37 -11.83 -22.92
N ALA A 16 5.11 -11.35 -21.92
CA ALA A 16 4.70 -11.54 -20.53
C ALA A 16 3.32 -10.97 -20.29
N SER A 17 2.67 -11.44 -19.23
CA SER A 17 1.25 -11.14 -19.07
CA SER A 17 1.27 -11.18 -18.93
C SER A 17 0.94 -9.74 -18.58
N TYR A 18 1.94 -8.95 -18.17
CA TYR A 18 1.68 -7.57 -17.81
C TYR A 18 1.63 -6.68 -19.05
N ILE A 19 1.93 -7.21 -20.24
CA ILE A 19 1.97 -6.41 -21.46
C ILE A 19 0.70 -6.63 -22.24
N ASN A 20 0.00 -5.53 -22.55
CA ASN A 20 -1.23 -5.61 -23.27
C ASN A 20 -1.59 -4.27 -23.88
N ASN A 21 -2.56 -4.31 -24.80
CA ASN A 21 -3.17 -3.08 -25.25
C ASN A 21 -3.64 -2.26 -24.05
N TYR A 22 -3.49 -0.94 -24.15
CA TYR A 22 -3.98 0.04 -23.17
C TYR A 22 -3.08 0.14 -21.95
N MET A 23 -1.98 -0.55 -21.89
CA MET A 23 -1.15 -0.53 -20.72
C MET A 23 -0.44 0.81 -20.53
N VAL A 24 0.07 0.99 -19.31
CA VAL A 24 1.01 2.05 -18.96
C VAL A 24 2.36 1.41 -18.67
N LEU A 25 3.39 1.94 -19.25
CA LEU A 25 4.79 1.63 -18.98
C LEU A 25 5.45 2.77 -18.21
N GLN A 26 6.39 2.44 -17.31
CA GLN A 26 7.01 3.47 -16.49
C GLN A 26 7.79 4.45 -17.34
N LYS A 27 7.66 5.74 -16.98
CA LYS A 27 8.27 6.86 -17.65
C LYS A 27 9.70 7.11 -17.17
N GLU A 28 10.34 8.03 -17.89
CA GLU A 28 11.67 8.55 -17.55
C GLU A 28 11.70 9.00 -16.08
N PRO A 29 12.82 8.91 -15.40
CA PRO A 29 14.16 8.56 -15.96
C PRO A 29 14.43 7.08 -16.09
N ALA A 30 13.50 6.24 -15.67
CA ALA A 30 13.62 4.80 -15.81
C ALA A 30 13.43 4.41 -17.25
N GLY A 31 13.97 3.25 -17.61
CA GLY A 31 13.62 2.54 -18.83
C GLY A 31 12.59 1.47 -18.53
N ALA A 32 11.67 1.29 -19.45
CA ALA A 32 10.64 0.27 -19.31
C ALA A 32 11.12 -1.08 -19.81
N VAL A 33 11.00 -2.09 -18.97
CA VAL A 33 11.30 -3.46 -19.35
C VAL A 33 10.16 -4.05 -20.15
N ILE A 34 10.51 -4.76 -21.24
CA ILE A 34 9.57 -5.52 -22.06
C ILE A 34 10.18 -6.92 -22.15
N TRP A 35 9.44 -7.95 -21.75
CA TRP A 35 9.95 -9.31 -21.82
C TRP A 35 8.86 -10.27 -22.27
N GLY A 36 9.30 -11.43 -22.76
CA GLY A 36 8.38 -12.47 -23.16
C GLY A 36 9.09 -13.79 -23.39
N TYR A 37 8.42 -14.66 -24.15
CA TYR A 37 8.92 -16.00 -24.44
C TYR A 37 9.08 -16.14 -25.96
N GLY A 38 9.89 -17.11 -26.37
CA GLY A 38 10.05 -17.41 -27.77
C GLY A 38 10.99 -18.56 -27.98
N THR A 39 11.43 -18.70 -29.23
CA THR A 39 12.29 -19.82 -29.63
C THR A 39 13.72 -19.55 -29.24
N SER A 40 14.37 -20.53 -28.61
CA SER A 40 15.74 -20.38 -28.18
C SER A 40 16.63 -19.88 -29.31
N GLU A 41 17.44 -18.88 -29.02
CA GLU A 41 18.45 -18.30 -29.91
C GLU A 41 17.84 -17.44 -31.01
N ALA A 42 16.53 -17.28 -31.05
CA ALA A 42 15.94 -16.39 -32.04
C ALA A 42 16.27 -14.95 -31.68
N THR A 43 16.27 -14.10 -32.70
CA THR A 43 16.48 -12.67 -32.50
C THR A 43 15.13 -12.00 -32.33
N VAL A 44 14.99 -11.20 -31.28
CA VAL A 44 13.75 -10.45 -31.05
C VAL A 44 14.07 -8.97 -31.16
N THR A 45 13.33 -8.27 -32.02
CA THR A 45 13.43 -6.83 -32.20
C THR A 45 12.17 -6.21 -31.66
N VAL A 46 12.32 -5.32 -30.70
CA VAL A 46 11.21 -4.61 -30.08
C VAL A 46 11.27 -3.17 -30.56
N THR A 47 10.17 -2.72 -31.12
CA THR A 47 10.10 -1.38 -31.69
C THR A 47 8.95 -0.63 -31.03
N LEU A 48 9.22 0.61 -30.68
CA LEU A 48 8.20 1.56 -30.20
C LEU A 48 7.83 2.46 -31.38
N TYR A 49 6.55 2.51 -31.70
CA TYR A 49 6.05 3.33 -32.79
C TYR A 49 5.10 4.40 -32.28
N ARG A 50 5.05 5.49 -33.03
CA ARG A 50 3.95 6.45 -32.97
C ARG A 50 3.30 6.41 -34.34
N ASP A 51 2.19 5.68 -34.43
CA ASP A 51 1.52 5.30 -35.68
C ASP A 51 2.52 4.58 -36.57
N GLN A 52 2.89 5.13 -37.65
CA GLN A 52 3.83 4.39 -38.48
C GLN A 52 5.30 4.73 -38.19
N GLU A 53 5.57 5.76 -37.39
CA GLU A 53 6.93 6.25 -37.22
C GLU A 53 7.64 5.50 -36.11
N THR A 54 8.91 5.14 -36.37
CA THR A 54 9.74 4.45 -35.40
C THR A 54 10.33 5.43 -34.41
N ILE A 55 10.08 5.18 -33.12
CA ILE A 55 10.62 6.00 -32.05
C ILE A 55 11.93 5.42 -31.54
N MET A 56 11.96 4.11 -31.33
CA MET A 56 13.14 3.44 -30.82
C MET A 56 13.05 1.97 -31.15
N GLU A 57 14.19 1.31 -31.11
CA GLU A 57 14.26 -0.12 -31.37
C GLU A 57 15.31 -0.71 -30.44
N LYS A 58 15.04 -1.91 -29.94
CA LYS A 58 15.96 -2.69 -29.12
C LYS A 58 15.98 -4.10 -29.65
N VAL A 59 17.16 -4.71 -29.70
CA VAL A 59 17.35 -6.06 -30.21
C VAL A 59 17.94 -6.93 -29.11
N THR A 60 17.47 -8.17 -29.04
CA THR A 60 18.03 -9.12 -28.11
C THR A 60 17.86 -10.53 -28.69
N SER A 61 18.34 -11.52 -27.96
CA SER A 61 18.19 -12.92 -28.31
CA SER A 61 18.13 -12.91 -28.34
C SER A 61 17.43 -13.68 -27.23
N VAL A 62 16.68 -14.70 -27.64
CA VAL A 62 15.96 -15.56 -26.70
C VAL A 62 16.95 -16.48 -26.01
N LYS A 63 16.86 -16.56 -24.71
CA LYS A 63 17.73 -17.39 -23.91
C LYS A 63 17.33 -18.85 -23.96
N ALA A 64 18.34 -19.72 -24.03
CA ALA A 64 18.11 -21.16 -23.95
C ALA A 64 17.66 -21.51 -22.53
N HIS A 65 16.95 -22.60 -22.42
CA HIS A 65 16.53 -23.13 -21.13
C HIS A 65 15.30 -22.40 -20.64
N SER A 66 15.34 -21.05 -20.46
CA SER A 66 14.15 -20.33 -20.03
C SER A 66 13.25 -19.99 -21.21
N ASN A 67 13.80 -19.94 -22.41
CA ASN A 67 13.07 -19.52 -23.58
C ASN A 67 12.47 -18.13 -23.41
N SER A 68 13.17 -17.29 -22.66
CA SER A 68 12.71 -15.93 -22.40
C SER A 68 13.62 -14.92 -23.07
N TRP A 69 13.05 -13.76 -23.34
CA TRP A 69 13.76 -12.64 -23.93
C TRP A 69 13.37 -11.38 -23.18
N MET A 70 14.25 -10.38 -23.20
CA MET A 70 14.02 -9.15 -22.49
C MET A 70 14.77 -8.02 -23.15
N VAL A 71 14.14 -6.85 -23.21
CA VAL A 71 14.79 -5.61 -23.56
C VAL A 71 14.42 -4.55 -22.53
N VAL A 72 15.23 -3.50 -22.46
CA VAL A 72 14.92 -2.31 -21.68
C VAL A 72 14.84 -1.14 -22.65
N LEU A 73 13.68 -0.52 -22.74
CA LEU A 73 13.53 0.64 -23.59
C LEU A 73 14.29 1.83 -23.04
N ASP A 74 14.66 2.76 -23.93
CA ASP A 74 15.20 4.03 -23.50
C ASP A 74 14.13 4.80 -22.73
N PRO A 75 14.53 5.66 -21.82
CA PRO A 75 13.52 6.39 -21.04
C PRO A 75 12.64 7.28 -21.90
N MET A 76 11.37 7.33 -21.55
CA MET A 76 10.36 8.05 -22.33
C MET A 76 9.66 9.15 -21.51
N LYS A 77 9.45 10.30 -22.14
CA LYS A 77 8.57 11.29 -21.57
C LYS A 77 7.18 10.71 -21.40
N PRO A 78 6.45 11.12 -20.38
CA PRO A 78 5.10 10.59 -20.20
C PRO A 78 4.17 11.04 -21.29
N GLY A 79 3.19 10.20 -21.60
CA GLY A 79 2.24 10.49 -22.61
C GLY A 79 2.01 9.32 -23.55
N GLY A 80 1.59 9.60 -24.77
CA GLY A 80 1.21 8.60 -25.72
C GLY A 80 -0.04 9.05 -26.46
N PRO A 81 -0.65 8.16 -27.25
CA PRO A 81 -0.38 6.73 -27.30
C PRO A 81 0.77 6.33 -28.21
N TYR A 82 1.32 5.16 -27.93
CA TYR A 82 2.30 4.48 -28.74
C TYR A 82 1.83 3.06 -29.01
N GLU A 83 2.53 2.41 -29.93
CA GLU A 83 2.38 1.00 -30.17
C GLU A 83 3.73 0.34 -29.90
N VAL A 84 3.71 -0.85 -29.32
CA VAL A 84 4.91 -1.65 -29.12
C VAL A 84 4.76 -2.90 -29.97
N MET A 85 5.73 -3.15 -30.85
CA MET A 85 5.79 -4.39 -31.61
C MET A 85 7.02 -5.17 -31.22
N ALA A 86 6.90 -6.46 -31.16
CA ALA A 86 8.03 -7.35 -31.00
C ALA A 86 8.00 -8.34 -32.16
N GLN A 87 9.15 -8.54 -32.78
CA GLN A 87 9.27 -9.35 -33.97
C GLN A 87 10.37 -10.37 -33.71
N GLN A 88 10.05 -11.63 -33.89
CA GLN A 88 11.01 -12.71 -33.74
C GLN A 88 11.42 -13.24 -35.10
N THR A 89 12.74 -13.30 -35.32
CA THR A 89 13.33 -13.90 -36.51
CA THR A 89 13.32 -13.89 -36.51
C THR A 89 14.08 -15.15 -36.09
N PHE A 90 13.81 -16.25 -36.76
CA PHE A 90 14.54 -17.49 -36.51
C PHE A 90 14.59 -18.15 -37.87
N GLY A 91 15.78 -18.15 -38.47
CA GLY A 91 15.93 -18.63 -39.82
C GLY A 91 15.08 -17.76 -40.74
N LYS A 92 14.19 -18.40 -41.48
CA LYS A 92 13.27 -17.72 -42.39
C LYS A 92 11.94 -17.37 -41.74
N THR A 93 11.71 -17.78 -40.49
CA THR A 93 10.44 -17.47 -39.85
C THR A 93 10.45 -16.05 -39.30
N ASN A 94 9.27 -15.45 -39.26
CA ASN A 94 9.10 -14.04 -38.86
C ASN A 94 7.74 -13.99 -38.20
N PHE A 95 7.70 -13.79 -36.89
CA PHE A 95 6.45 -13.64 -36.18
C PHE A 95 6.43 -12.29 -35.48
N THR A 96 5.24 -11.70 -35.37
CA THR A 96 5.07 -10.37 -34.79
C THR A 96 3.98 -10.36 -33.72
N LEU A 97 4.23 -9.60 -32.68
CA LEU A 97 3.30 -9.29 -31.63
C LEU A 97 3.15 -7.78 -31.58
N ARG A 98 1.95 -7.30 -31.29
CA ARG A 98 1.71 -5.86 -31.28
C ARG A 98 0.71 -5.53 -30.19
N VAL A 99 1.00 -4.47 -29.44
CA VAL A 99 0.04 -3.86 -28.54
C VAL A 99 -0.06 -2.37 -28.85
N HIS A 100 -1.26 -1.82 -28.67
CA HIS A 100 -1.55 -0.44 -29.00
C HIS A 100 -2.13 0.29 -27.81
N ASP A 101 -2.30 1.61 -27.97
CA ASP A 101 -2.79 2.46 -26.91
C ASP A 101 -1.91 2.40 -25.67
N VAL A 102 -0.62 2.26 -25.87
CA VAL A 102 0.34 2.21 -24.79
C VAL A 102 0.71 3.63 -24.37
N LEU A 103 0.72 3.87 -23.07
CA LEU A 103 1.11 5.14 -22.50
C LEU A 103 2.34 4.96 -21.63
N PHE A 104 3.06 6.06 -21.44
CA PHE A 104 4.12 6.15 -20.46
C PHE A 104 3.69 7.04 -19.33
N GLY A 105 3.98 6.62 -18.12
CA GLY A 105 3.59 7.37 -16.95
C GLY A 105 4.07 6.68 -15.68
N ASP A 106 3.32 6.78 -14.59
CA ASP A 106 3.71 6.13 -13.33
C ASP A 106 2.85 4.89 -13.15
N VAL A 107 3.53 3.77 -12.88
CA VAL A 107 2.86 2.49 -12.63
C VAL A 107 2.90 2.22 -11.13
N TRP A 108 1.73 2.08 -10.55
CA TRP A 108 1.58 1.77 -9.13
C TRP A 108 0.92 0.40 -8.97
N LEU A 109 1.50 -0.38 -8.06
CA LEU A 109 1.00 -1.70 -7.69
C LEU A 109 0.29 -1.56 -6.35
N CYS A 110 -0.96 -2.05 -6.29
CA CYS A 110 -1.81 -1.95 -5.12
C CYS A 110 -2.06 -3.36 -4.61
N SER A 111 -1.75 -3.61 -3.36
CA SER A 111 -1.85 -4.96 -2.83
C SER A 111 -2.36 -4.95 -1.37
N GLY A 112 -2.62 -6.16 -0.88
CA GLY A 112 -3.03 -6.40 0.48
C GLY A 112 -4.21 -7.33 0.58
N GLN A 113 -5.03 -7.11 1.62
CA GLN A 113 -6.19 -7.94 1.86
C GLN A 113 -7.48 -7.19 1.51
N SER A 114 -8.57 -7.49 2.18
CA SER A 114 -9.89 -7.17 1.62
C SER A 114 -10.22 -5.67 1.55
N ASN A 115 -9.56 -4.80 2.35
CA ASN A 115 -9.83 -3.39 2.18
C ASN A 115 -9.09 -2.77 1.02
N MET A 116 -8.09 -3.48 0.46
CA MET A 116 -7.64 -3.14 -0.90
C MET A 116 -8.57 -3.78 -1.93
N GLN A 117 -9.04 -5.00 -1.67
CA GLN A 117 -9.81 -5.71 -2.67
C GLN A 117 -11.19 -5.10 -2.91
N MET A 118 -11.78 -4.45 -1.88
CA MET A 118 -13.10 -3.84 -1.97
C MET A 118 -13.16 -2.91 -3.19
N THR A 119 -14.22 -3.02 -4.00
CA THR A 119 -14.26 -2.37 -5.29
C THR A 119 -15.10 -1.10 -5.27
N VAL A 120 -15.02 -0.35 -6.38
CA VAL A 120 -15.69 0.94 -6.46
C VAL A 120 -17.20 0.78 -6.28
N SER A 121 -17.79 -0.34 -6.72
CA SER A 121 -19.23 -0.49 -6.57
C SER A 121 -19.66 -0.67 -5.11
N GLN A 122 -18.73 -0.88 -4.19
CA GLN A 122 -19.04 -1.15 -2.80
C GLN A 122 -18.97 0.07 -1.90
N ILE A 123 -18.44 1.18 -2.39
CA ILE A 123 -18.12 2.31 -1.51
C ILE A 123 -19.26 3.32 -1.42
N PHE A 124 -19.14 4.29 -0.51
CA PHE A 124 -20.10 5.37 -0.48
C PHE A 124 -20.12 6.09 -1.82
N ASN A 125 -21.29 6.62 -2.18
CA ASN A 125 -21.39 7.45 -3.39
C ASN A 125 -21.01 6.66 -4.64
N ALA A 126 -21.21 5.33 -4.62
CA ALA A 126 -20.70 4.50 -5.70
C ALA A 126 -21.22 4.93 -7.06
N THR A 127 -22.50 5.25 -7.18
CA THR A 127 -23.04 5.56 -8.50
C THR A 127 -22.29 6.72 -9.12
N ARG A 128 -22.08 7.77 -8.36
CA ARG A 128 -21.36 8.92 -8.90
C ARG A 128 -19.89 8.63 -9.11
N GLU A 129 -19.28 7.86 -8.23
CA GLU A 129 -17.88 7.56 -8.42
C GLU A 129 -17.66 6.72 -9.66
N LEU A 130 -18.54 5.75 -9.89
CA LEU A 130 -18.44 4.93 -11.08
C LEU A 130 -18.61 5.72 -12.37
N ALA A 131 -19.38 6.81 -12.34
CA ALA A 131 -19.64 7.65 -13.48
C ALA A 131 -18.51 8.61 -13.77
N ASN A 132 -17.56 8.81 -12.86
CA ASN A 132 -16.52 9.84 -13.01
C ASN A 132 -15.27 9.20 -13.62
N THR A 133 -15.35 8.99 -14.93
CA THR A 133 -14.26 8.40 -15.68
C THR A 133 -13.81 9.19 -16.89
N ALA A 134 -14.63 10.10 -17.42
CA ALA A 134 -14.31 10.72 -18.68
C ALA A 134 -13.04 11.55 -18.61
N ALA A 135 -12.74 12.15 -17.44
CA ALA A 135 -11.51 12.93 -17.29
C ALA A 135 -10.29 12.10 -16.97
N TYR A 136 -10.46 10.78 -16.82
CA TYR A 136 -9.45 9.89 -16.29
C TYR A 136 -9.19 8.73 -17.23
N GLN A 137 -9.35 8.92 -18.53
CA GLN A 137 -9.13 7.83 -19.46
C GLN A 137 -7.67 7.40 -19.54
N SER A 138 -6.73 8.23 -19.09
CA SER A 138 -5.33 7.89 -19.00
C SER A 138 -4.90 7.34 -17.64
N VAL A 139 -5.86 6.99 -16.80
CA VAL A 139 -5.64 6.22 -15.58
C VAL A 139 -6.09 4.80 -15.93
N ARG A 140 -5.13 3.99 -16.35
CA ARG A 140 -5.39 2.66 -16.89
C ARG A 140 -5.34 1.65 -15.76
N ILE A 141 -6.22 0.64 -15.83
CA ILE A 141 -6.45 -0.27 -14.73
C ILE A 141 -6.25 -1.72 -15.15
N PHE A 142 -5.87 -2.53 -14.17
CA PHE A 142 -5.50 -3.92 -14.35
C PHE A 142 -5.72 -4.61 -13.02
N SER A 143 -6.21 -5.86 -13.06
CA SER A 143 -6.41 -6.60 -11.83
C SER A 143 -6.03 -8.07 -11.98
N VAL A 144 -5.19 -8.48 -11.04
CA VAL A 144 -4.64 -9.85 -11.03
C VAL A 144 -5.63 -10.86 -10.49
N SER A 145 -5.77 -12.02 -11.15
CA SER A 145 -6.65 -13.07 -10.67
C SER A 145 -6.14 -13.65 -9.37
N LEU A 146 -7.07 -14.18 -8.57
CA LEU A 146 -6.77 -14.83 -7.31
C LEU A 146 -6.22 -16.23 -7.58
N ILE A 147 -4.91 -16.33 -7.51
CA ILE A 147 -4.19 -17.57 -7.77
C ILE A 147 -3.12 -17.69 -6.69
N GLN A 148 -2.98 -18.92 -6.16
CA GLN A 148 -1.86 -19.21 -5.27
C GLN A 148 -0.96 -20.26 -5.90
N ALA A 149 0.32 -20.22 -5.55
CA ALA A 149 1.27 -21.17 -6.10
C ALA A 149 2.30 -21.57 -5.06
N GLU A 150 2.69 -22.84 -5.10
CA GLU A 150 3.67 -23.34 -4.17
C GLU A 150 5.09 -22.92 -4.49
N GLN A 151 5.34 -22.46 -5.71
CA GLN A 151 6.65 -21.94 -6.11
C GLN A 151 6.45 -20.64 -6.82
N GLU A 152 7.49 -19.80 -6.82
CA GLU A 152 7.43 -18.56 -7.57
C GLU A 152 7.10 -18.82 -9.03
N LEU A 153 6.17 -18.06 -9.57
CA LEU A 153 5.82 -18.12 -10.97
C LEU A 153 6.52 -17.02 -11.75
N GLU A 154 7.04 -17.38 -12.91
CA GLU A 154 7.70 -16.41 -13.78
C GLU A 154 6.71 -15.39 -14.34
N ASP A 155 5.49 -15.85 -14.65
CA ASP A 155 4.50 -15.07 -15.35
C ASP A 155 3.18 -15.24 -14.60
N LEU A 156 2.29 -14.27 -14.70
CA LEU A 156 0.99 -14.44 -14.09
C LEU A 156 0.25 -15.59 -14.76
N ALA A 157 -0.43 -16.40 -13.94
CA ALA A 157 -1.22 -17.50 -14.46
C ALA A 157 -2.51 -17.05 -15.10
N LYS A 158 -3.09 -15.96 -14.59
CA LYS A 158 -4.37 -15.47 -15.03
C LYS A 158 -4.51 -14.02 -14.60
N VAL A 159 -5.15 -13.26 -15.48
CA VAL A 159 -5.47 -11.85 -15.26
C VAL A 159 -6.99 -11.69 -15.31
N ASP A 160 -7.53 -11.05 -14.27
CA ASP A 160 -8.97 -10.89 -14.12
C ASP A 160 -9.45 -9.71 -15.01
N LEU A 161 -8.70 -8.60 -14.96
CA LEU A 161 -8.99 -7.42 -15.75
C LEU A 161 -7.70 -7.01 -16.45
N GLN A 162 -7.66 -7.25 -17.76
CA GLN A 162 -6.51 -6.77 -18.53
C GLN A 162 -6.54 -5.25 -18.61
N TRP A 163 -5.39 -4.68 -18.92
CA TRP A 163 -5.28 -3.23 -19.00
C TRP A 163 -6.43 -2.65 -19.79
N ALA A 164 -7.01 -1.61 -19.23
CA ALA A 164 -8.19 -0.99 -19.81
C ALA A 164 -8.32 0.47 -19.43
N LYS A 165 -8.94 1.22 -20.32
CA LYS A 165 -9.52 2.49 -19.95
C LYS A 165 -10.63 2.23 -18.94
N PRO A 166 -10.75 3.08 -17.94
CA PRO A 166 -11.79 2.89 -16.92
C PRO A 166 -13.18 3.23 -17.42
N THR A 167 -14.14 2.40 -17.02
CA THR A 167 -15.55 2.55 -17.35
C THR A 167 -16.38 2.24 -16.09
N THR A 168 -17.67 2.57 -16.17
CA THR A 168 -18.57 2.19 -15.10
C THR A 168 -18.54 0.68 -14.89
N GLU A 169 -18.46 -0.06 -16.00
CA GLU A 169 -18.61 -1.50 -15.96
C GLU A 169 -17.39 -2.18 -15.37
N ASN A 170 -16.18 -1.68 -15.65
CA ASN A 170 -15.01 -2.36 -15.14
C ASN A 170 -14.55 -1.82 -13.79
N LEU A 171 -14.92 -0.58 -13.43
CA LEU A 171 -14.61 -0.14 -12.08
C LEU A 171 -15.49 -0.83 -11.05
N GLY A 172 -16.72 -1.12 -11.42
CA GLY A 172 -17.68 -1.72 -10.51
C GLY A 172 -18.15 -3.06 -10.98
N HIS A 173 -17.24 -3.99 -11.24
CA HIS A 173 -17.62 -5.20 -11.95
C HIS A 173 -18.18 -6.28 -11.04
N GLY A 174 -17.79 -6.27 -9.80
CA GLY A 174 -18.31 -7.23 -8.84
C GLY A 174 -17.82 -6.94 -7.44
N ILE A 175 -18.57 -7.47 -6.47
CA ILE A 175 -18.24 -7.35 -5.07
C ILE A 175 -16.93 -8.08 -4.80
N PHE A 176 -15.94 -7.33 -4.30
CA PHE A 176 -14.63 -7.86 -4.04
C PHE A 176 -14.02 -8.50 -5.28
N GLN A 177 -14.40 -8.05 -6.49
CA GLN A 177 -13.87 -8.58 -7.73
C GLN A 177 -12.83 -7.58 -8.25
N TYR A 178 -13.25 -6.66 -9.11
CA TYR A 178 -12.46 -5.50 -9.53
C TYR A 178 -13.45 -4.39 -9.81
N MET A 179 -12.98 -3.14 -9.79
CA MET A 179 -11.66 -2.65 -9.50
C MET A 179 -11.56 -2.11 -8.08
N SER A 180 -10.43 -2.37 -7.44
CA SER A 180 -10.12 -1.87 -6.13
C SER A 180 -10.43 -0.38 -6.02
N ALA A 181 -11.22 -0.01 -5.00
CA ALA A 181 -11.58 1.37 -4.78
C ALA A 181 -10.38 2.18 -4.28
N VAL A 182 -9.68 1.70 -3.26
CA VAL A 182 -8.54 2.47 -2.76
C VAL A 182 -7.55 2.69 -3.89
N CYS A 183 -7.29 1.64 -4.71
CA CYS A 183 -6.34 1.76 -5.80
C CYS A 183 -6.83 2.77 -6.86
N TRP A 184 -8.06 2.61 -7.34
CA TRP A 184 -8.60 3.53 -8.34
C TRP A 184 -8.57 4.96 -7.83
N LEU A 185 -9.07 5.20 -6.62
CA LEU A 185 -9.17 6.55 -6.11
C LEU A 185 -7.80 7.16 -5.88
N PHE A 186 -6.83 6.35 -5.45
CA PHE A 186 -5.47 6.84 -5.33
C PHE A 186 -4.93 7.30 -6.65
N GLY A 187 -5.13 6.49 -7.68
CA GLY A 187 -4.67 6.91 -8.99
C GLY A 187 -5.41 8.08 -9.56
N ARG A 188 -6.70 8.17 -9.29
CA ARG A 188 -7.47 9.33 -9.74
C ARG A 188 -6.95 10.61 -9.10
N ASN A 189 -6.65 10.55 -7.82
CA ASN A 189 -6.06 11.70 -7.12
C ASN A 189 -4.67 12.01 -7.65
N LEU A 190 -3.86 10.99 -7.94
CA LEU A 190 -2.55 11.25 -8.53
C LEU A 190 -2.70 11.93 -9.88
N TYR A 191 -3.66 11.49 -10.69
CA TYR A 191 -3.83 12.10 -12.00
C TYR A 191 -4.18 13.58 -11.85
N ASP A 192 -5.05 13.91 -10.90
CA ASP A 192 -5.41 15.31 -10.71
C ASP A 192 -4.17 16.17 -10.49
N THR A 193 -3.21 15.66 -9.71
CA THR A 193 -1.98 16.38 -9.42
C THR A 193 -1.01 16.35 -10.60
N LEU A 194 -0.79 15.18 -11.16
CA LEU A 194 0.30 14.94 -12.09
C LEU A 194 -0.05 15.25 -13.53
N GLN A 195 -1.28 14.98 -13.94
CA GLN A 195 -1.75 15.28 -15.28
C GLN A 195 -0.93 14.56 -16.34
N TYR A 196 -0.55 13.31 -16.05
CA TYR A 196 0.07 12.43 -17.02
C TYR A 196 -0.34 11.01 -16.67
N PRO A 197 -0.12 10.04 -17.57
CA PRO A 197 -0.74 8.73 -17.39
C PRO A 197 -0.33 8.02 -16.11
N ILE A 198 -1.29 7.28 -15.57
CA ILE A 198 -1.11 6.49 -14.36
C ILE A 198 -1.59 5.08 -14.67
N GLY A 199 -0.78 4.07 -14.36
CA GLY A 199 -1.20 2.70 -14.47
C GLY A 199 -1.38 2.12 -13.08
N LEU A 200 -2.49 1.42 -12.89
CA LEU A 200 -2.87 0.83 -11.61
C LEU A 200 -3.02 -0.66 -11.79
N ILE A 201 -2.22 -1.42 -11.03
CA ILE A 201 -2.34 -2.86 -10.99
C ILE A 201 -2.78 -3.25 -9.58
N SER A 202 -3.95 -3.88 -9.49
CA SER A 202 -4.44 -4.39 -8.23
C SER A 202 -4.17 -5.89 -8.11
N SER A 203 -3.58 -6.25 -6.97
CA SER A 203 -3.27 -7.65 -6.69
C SER A 203 -3.47 -7.86 -5.18
N SER A 204 -4.66 -8.34 -4.81
CA SER A 204 -5.08 -8.42 -3.41
C SER A 204 -5.98 -9.61 -3.23
N TRP A 205 -6.14 -10.02 -1.98
CA TRP A 205 -6.95 -11.18 -1.66
C TRP A 205 -7.40 -11.06 -0.22
N GLY A 206 -8.70 -11.13 0.01
CA GLY A 206 -9.21 -10.98 1.37
C GLY A 206 -8.72 -12.07 2.32
N GLY A 207 -8.63 -11.71 3.58
CA GLY A 207 -8.38 -12.68 4.64
C GLY A 207 -6.99 -13.27 4.67
N THR A 208 -5.99 -12.53 4.17
CA THR A 208 -4.66 -13.06 4.00
C THR A 208 -3.67 -12.37 4.93
N PRO A 209 -2.79 -13.17 5.55
CA PRO A 209 -1.73 -12.62 6.38
C PRO A 209 -0.55 -12.17 5.53
N ILE A 210 0.30 -11.33 6.13
CA ILE A 210 1.42 -10.78 5.37
C ILE A 210 2.35 -11.89 4.91
N GLU A 211 2.43 -12.97 5.67
CA GLU A 211 3.31 -14.09 5.33
C GLU A 211 2.97 -14.66 3.98
N ALA A 212 1.71 -14.60 3.55
CA ALA A 212 1.35 -15.11 2.23
C ALA A 212 1.95 -14.26 1.11
N TRP A 213 2.18 -12.98 1.38
CA TRP A 213 2.63 -12.00 0.42
C TRP A 213 4.14 -11.79 0.46
N SER A 214 4.82 -12.53 1.33
CA SER A 214 6.24 -12.35 1.57
C SER A 214 7.02 -13.47 0.90
N SER A 215 8.17 -13.15 0.34
CA SER A 215 9.08 -14.19 -0.12
C SER A 215 9.69 -14.89 1.08
N GLU A 216 10.39 -16.00 0.77
CA GLU A 216 11.09 -16.70 1.83
C GLU A 216 12.14 -15.81 2.50
N ARG A 217 12.70 -14.85 1.76
CA ARG A 217 13.79 -14.08 2.31
C ARG A 217 13.33 -13.18 3.44
N SER A 218 12.18 -12.50 3.31
CA SER A 218 11.81 -11.62 4.40
C SER A 218 11.33 -12.44 5.58
N LEU A 219 10.68 -13.59 5.34
CA LEU A 219 10.25 -14.45 6.43
C LEU A 219 11.45 -14.93 7.22
N LYS A 220 12.51 -15.36 6.53
CA LYS A 220 13.70 -15.84 7.21
C LYS A 220 14.36 -14.70 7.98
N ALA A 221 14.36 -13.49 7.42
CA ALA A 221 15.00 -12.36 8.08
C ALA A 221 14.36 -12.04 9.42
N CYS A 222 13.09 -12.34 9.55
CA CYS A 222 12.35 -12.06 10.77
C CYS A 222 12.19 -13.26 11.66
N GLY A 223 12.77 -14.42 11.31
CA GLY A 223 12.61 -15.56 12.17
C GLY A 223 11.18 -16.05 12.27
N VAL A 224 10.41 -15.94 11.21
CA VAL A 224 9.01 -16.36 11.25
C VAL A 224 8.95 -17.87 11.44
N PRO A 225 8.14 -18.36 12.38
CA PRO A 225 8.06 -19.80 12.58
C PRO A 225 7.45 -20.52 11.39
N THR A 226 7.82 -21.80 11.31
CA THR A 226 7.24 -22.63 10.27
C THR A 226 5.73 -22.70 10.46
N GLN A 227 5.03 -22.81 9.34
CA GLN A 227 3.59 -22.77 9.43
C GLN A 227 3.06 -24.06 10.06
N GLY A 228 1.98 -23.90 10.82
CA GLY A 228 1.20 -25.00 11.34
C GLY A 228 -0.12 -24.99 10.61
N PHE A 229 -1.24 -25.11 11.33
CA PHE A 229 -2.57 -24.85 10.75
C PHE A 229 -2.99 -23.44 11.15
N THR A 230 -3.12 -22.57 10.14
CA THR A 230 -3.19 -21.13 10.33
C THR A 230 -4.58 -20.54 10.10
N GLN A 231 -5.47 -21.26 9.42
CA GLN A 231 -6.84 -20.80 9.24
C GLN A 231 -7.54 -20.62 10.59
N SER A 232 -8.24 -19.49 10.72
CA SER A 232 -8.90 -19.11 11.95
C SER A 232 -9.99 -18.15 11.51
N ASN A 233 -10.74 -17.61 12.45
CA ASN A 233 -11.81 -16.69 12.08
C ASN A 233 -11.27 -15.45 11.37
N SER A 234 -10.04 -15.04 11.68
CA SER A 234 -9.49 -13.84 11.06
C SER A 234 -8.58 -14.13 9.88
N VAL A 235 -8.30 -15.39 9.57
CA VAL A 235 -7.48 -15.78 8.42
C VAL A 235 -8.38 -16.69 7.57
N THR A 236 -9.00 -16.14 6.52
CA THR A 236 -9.93 -16.88 5.69
C THR A 236 -9.43 -17.11 4.26
N GLY A 237 -8.37 -16.43 3.87
CA GLY A 237 -7.76 -16.56 2.57
C GLY A 237 -6.51 -17.41 2.65
N PRO A 238 -5.81 -17.54 1.53
CA PRO A 238 -4.57 -18.31 1.53
C PRO A 238 -3.58 -17.84 2.59
N SER A 239 -3.05 -18.79 3.35
CA SER A 239 -2.19 -18.43 4.44
C SER A 239 -0.87 -19.18 4.45
N ASN A 240 -0.62 -20.07 3.51
CA ASN A 240 0.68 -20.71 3.45
C ASN A 240 1.72 -19.66 3.09
N HIS A 241 2.91 -19.81 3.65
CA HIS A 241 3.93 -18.80 3.43
C HIS A 241 4.20 -18.64 1.94
N SER A 242 4.24 -17.39 1.51
CA SER A 242 4.72 -16.98 0.19
C SER A 242 3.82 -17.32 -0.97
N VAL A 243 2.66 -17.96 -0.77
CA VAL A 243 1.95 -18.49 -1.93
C VAL A 243 1.35 -17.40 -2.81
N LEU A 244 1.07 -16.22 -2.23
CA LEU A 244 0.56 -15.09 -2.99
C LEU A 244 1.68 -14.22 -3.53
N TRP A 245 2.76 -14.03 -2.79
CA TRP A 245 4.00 -13.54 -3.42
C TRP A 245 4.28 -14.36 -4.66
N ASN A 246 4.24 -15.68 -4.53
CA ASN A 246 4.71 -16.55 -5.61
C ASN A 246 3.92 -16.33 -6.88
N ALA A 247 2.60 -16.24 -6.78
CA ALA A 247 1.74 -16.20 -7.94
C ALA A 247 1.29 -14.80 -8.36
N MET A 248 1.09 -13.90 -7.43
CA MET A 248 0.40 -12.64 -7.68
C MET A 248 1.29 -11.42 -7.64
N ILE A 249 2.53 -11.53 -7.15
CA ILE A 249 3.46 -10.40 -7.07
C ILE A 249 4.73 -10.69 -7.83
N HIS A 250 5.37 -11.81 -7.51
CA HIS A 250 6.63 -12.16 -8.15
C HIS A 250 6.58 -12.06 -9.68
N PRO A 251 5.53 -12.50 -10.36
CA PRO A 251 5.53 -12.40 -11.83
C PRO A 251 5.60 -10.99 -12.39
N LEU A 252 5.41 -9.97 -11.56
CA LEU A 252 5.49 -8.57 -11.94
C LEU A 252 6.86 -7.98 -11.67
N HIS A 253 7.78 -8.75 -11.06
CA HIS A 253 8.96 -8.12 -10.47
C HIS A 253 9.97 -7.61 -11.50
N ASN A 254 9.90 -8.04 -12.75
CA ASN A 254 10.78 -7.50 -13.78
C ASN A 254 10.21 -6.23 -14.43
N MET A 255 8.92 -5.94 -14.21
CA MET A 255 8.28 -4.78 -14.81
C MET A 255 8.69 -3.53 -14.03
N THR A 256 9.14 -2.53 -14.76
CA THR A 256 9.53 -1.28 -14.12
C THR A 256 8.29 -0.62 -13.50
N LEU A 257 8.45 -0.13 -12.27
CA LEU A 257 7.32 0.54 -11.62
C LEU A 257 7.76 1.72 -10.80
N LYS A 258 6.76 2.51 -10.40
CA LYS A 258 6.94 3.70 -9.61
C LYS A 258 6.88 3.40 -8.10
N GLY A 259 5.85 2.68 -7.65
CA GLY A 259 5.73 2.37 -6.26
C GLY A 259 4.59 1.42 -6.00
N VAL A 260 4.37 1.21 -4.69
CA VAL A 260 3.34 0.31 -4.19
C VAL A 260 2.49 1.08 -3.19
N ILE A 261 1.20 0.76 -3.18
CA ILE A 261 0.38 1.03 -2.02
C ILE A 261 -0.24 -0.27 -1.55
N TRP A 262 -0.48 -0.31 -0.25
CA TRP A 262 -0.71 -1.53 0.49
C TRP A 262 -1.78 -1.30 1.55
N TYR A 263 -2.70 -2.27 1.70
CA TYR A 263 -3.69 -2.20 2.77
C TYR A 263 -3.90 -3.62 3.30
N GLN A 264 -3.19 -3.90 4.38
CA GLN A 264 -3.20 -5.23 4.97
C GLN A 264 -2.78 -5.18 6.41
N GLY A 265 -3.26 -6.16 7.16
CA GLY A 265 -2.81 -6.39 8.51
C GLY A 265 -3.91 -6.94 9.42
N GLU A 266 -5.16 -6.81 9.00
CA GLU A 266 -6.25 -7.34 9.78
C GLU A 266 -6.04 -8.82 10.10
N SER A 267 -5.54 -9.59 9.13
CA SER A 267 -5.36 -11.02 9.29
C SER A 267 -4.13 -11.36 10.08
N ASN A 268 -3.32 -10.39 10.51
CA ASN A 268 -2.23 -10.65 11.43
C ASN A 268 -2.61 -10.34 12.87
N MET A 269 -3.88 -10.05 13.14
CA MET A 269 -4.26 -9.71 14.51
C MET A 269 -3.93 -10.82 15.48
N ASN A 270 -4.01 -12.07 15.05
CA ASN A 270 -3.69 -13.23 15.86
C ASN A 270 -2.79 -14.21 15.14
N PHE A 271 -1.95 -13.72 14.24
CA PHE A 271 -1.04 -14.55 13.50
C PHE A 271 0.30 -13.83 13.42
N ASN A 272 1.28 -14.29 14.18
CA ASN A 272 2.56 -13.65 14.27
C ASN A 272 2.41 -12.15 14.51
N ARG A 273 1.48 -11.77 15.37
CA ARG A 273 1.20 -10.36 15.62
C ARG A 273 2.45 -9.65 16.08
N ASP A 274 3.16 -10.21 17.06
CA ASP A 274 4.30 -9.56 17.65
C ASP A 274 5.53 -9.54 16.73
N LEU A 275 5.47 -10.19 15.58
CA LEU A 275 6.52 -10.10 14.57
C LEU A 275 6.19 -9.10 13.48
N TYR A 276 4.98 -8.53 13.45
CA TYR A 276 4.58 -7.69 12.33
C TYR A 276 5.47 -6.45 12.20
N ASN A 277 5.97 -5.95 13.35
CA ASN A 277 6.93 -4.83 13.31
C ASN A 277 8.22 -5.15 12.59
N CYS A 278 8.52 -6.45 12.39
CA CYS A 278 9.63 -6.90 11.58
C CYS A 278 9.19 -7.29 10.19
N THR A 279 8.13 -8.09 10.10
CA THR A 279 7.75 -8.67 8.82
C THR A 279 7.28 -7.64 7.83
N PHE A 280 6.67 -6.57 8.31
CA PHE A 280 6.20 -5.55 7.34
C PHE A 280 7.37 -4.72 6.79
N PRO A 281 8.24 -4.14 7.62
CA PRO A 281 9.45 -3.50 7.03
C PRO A 281 10.26 -4.44 6.17
N ALA A 282 10.34 -5.72 6.55
CA ALA A 282 11.12 -6.66 5.77
C ALA A 282 10.48 -6.98 4.44
N LEU A 283 9.15 -7.02 4.36
CA LEU A 283 8.44 -7.17 3.10
C LEU A 283 8.78 -5.99 2.19
N ILE A 284 8.69 -4.78 2.71
CA ILE A 284 8.97 -3.60 1.92
C ILE A 284 10.37 -3.69 1.34
N GLU A 285 11.34 -3.98 2.21
CA GLU A 285 12.71 -4.05 1.74
C GLU A 285 12.96 -5.16 0.73
N ASP A 286 12.35 -6.32 0.91
CA ASP A 286 12.54 -7.44 -0.01
C ASP A 286 11.84 -7.18 -1.35
N TRP A 287 10.63 -6.62 -1.32
CA TRP A 287 10.01 -6.26 -2.57
C TRP A 287 10.89 -5.26 -3.31
N ARG A 288 11.43 -4.25 -2.60
CA ARG A 288 12.30 -3.27 -3.24
C ARG A 288 13.53 -3.93 -3.86
N GLN A 289 14.23 -4.79 -3.10
CA GLN A 289 15.44 -5.39 -3.67
C GLN A 289 15.09 -6.25 -4.87
N THR A 290 14.01 -7.01 -4.76
CA THR A 290 13.67 -7.97 -5.79
C THR A 290 13.20 -7.27 -7.08
N PHE A 291 12.34 -6.26 -6.93
CA PHE A 291 11.88 -5.51 -8.09
C PHE A 291 13.03 -4.69 -8.71
N HIS A 292 13.86 -4.09 -7.88
CA HIS A 292 15.01 -3.37 -8.41
C HIS A 292 15.88 -4.27 -9.26
N HIS A 293 16.18 -5.49 -8.77
CA HIS A 293 17.03 -6.36 -9.58
CA HIS A 293 17.00 -6.43 -9.52
C HIS A 293 16.28 -6.95 -10.76
N GLY A 294 15.01 -7.32 -10.61
CA GLY A 294 14.32 -7.94 -11.74
C GLY A 294 14.16 -7.00 -12.91
N SER A 295 13.96 -5.72 -12.63
CA SER A 295 13.82 -4.68 -13.63
C SER A 295 15.13 -4.15 -14.13
N GLN A 296 16.22 -4.85 -13.92
CA GLN A 296 17.50 -4.44 -14.49
C GLN A 296 17.90 -3.08 -13.93
N GLY A 297 17.54 -2.86 -12.66
CA GLY A 297 17.90 -1.64 -12.00
C GLY A 297 17.00 -0.47 -12.28
N GLN A 298 15.93 -0.65 -13.03
CA GLN A 298 15.11 0.48 -13.48
C GLN A 298 14.12 0.94 -12.41
N THR A 299 13.49 0.02 -11.70
CA THR A 299 12.68 0.39 -10.55
C THR A 299 13.60 0.87 -9.46
N GLU A 300 13.26 2.01 -8.83
CA GLU A 300 14.09 2.56 -7.77
C GLU A 300 14.36 1.54 -6.66
N ARG A 301 15.61 1.53 -6.20
CA ARG A 301 16.00 0.62 -5.15
C ARG A 301 15.21 0.84 -3.87
N PHE A 302 14.85 2.10 -3.57
CA PHE A 302 14.03 2.44 -2.42
C PHE A 302 12.72 3.01 -2.90
N PHE A 303 12.05 2.32 -3.82
CA PHE A 303 10.85 2.88 -4.40
C PHE A 303 9.83 3.21 -3.32
N PRO A 304 9.06 4.29 -3.47
CA PRO A 304 8.09 4.66 -2.43
C PRO A 304 7.05 3.59 -2.21
N PHE A 305 6.75 3.37 -0.90
CA PHE A 305 5.83 2.30 -0.51
C PHE A 305 4.87 2.92 0.51
N GLY A 306 3.60 2.99 0.10
CA GLY A 306 2.57 3.59 0.95
C GLY A 306 1.66 2.53 1.52
N PHE A 307 1.06 2.82 2.68
CA PHE A 307 0.17 1.84 3.29
C PHE A 307 -0.90 2.54 4.13
N VAL A 308 -1.95 1.77 4.41
CA VAL A 308 -3.07 2.23 5.24
C VAL A 308 -2.93 1.61 6.62
N GLN A 309 -2.82 2.44 7.65
CA GLN A 309 -2.89 1.95 9.02
C GLN A 309 -4.31 1.45 9.26
N LEU A 310 -4.44 0.34 9.98
CA LEU A 310 -5.75 -0.31 10.02
C LEU A 310 -6.85 0.64 10.47
N SER A 311 -8.01 0.49 9.84
CA SER A 311 -9.24 1.09 10.33
C SER A 311 -9.75 0.29 11.52
N SER A 312 -10.99 0.52 11.86
CA SER A 312 -11.63 -0.10 13.00
C SER A 312 -12.66 -1.12 12.53
N TYR A 313 -13.17 -1.88 13.50
CA TYR A 313 -14.34 -2.70 13.36
C TYR A 313 -14.93 -2.85 14.75
N LEU A 314 -16.16 -3.35 14.78
CA LEU A 314 -16.89 -3.49 16.03
C LEU A 314 -16.48 -4.82 16.67
N SER A 315 -15.57 -4.76 17.61
CA SER A 315 -14.89 -5.89 18.23
C SER A 315 -15.31 -6.03 19.67
N ALA A 316 -14.80 -7.08 20.27
CA ALA A 316 -14.97 -7.30 21.69
C ALA A 316 -14.19 -6.24 22.46
N PRO A 317 -14.69 -5.87 23.65
CA PRO A 317 -13.98 -4.85 24.42
C PRO A 317 -12.57 -5.24 24.78
N SER A 318 -12.33 -6.52 25.07
CA SER A 318 -11.00 -6.87 25.54
C SER A 318 -9.98 -6.83 24.42
N ASP A 319 -10.38 -6.71 23.16
CA ASP A 319 -9.47 -6.97 22.06
C ASP A 319 -8.63 -5.73 21.78
N ASP A 320 -7.28 -5.79 21.96
CA ASP A 320 -6.41 -4.69 21.53
C ASP A 320 -5.34 -5.19 20.57
N THR A 321 -5.74 -6.18 19.78
CA THR A 321 -4.86 -6.62 18.71
C THR A 321 -4.73 -5.57 17.62
N PHE A 322 -5.82 -4.91 17.24
CA PHE A 322 -5.71 -3.92 16.18
C PHE A 322 -4.81 -2.74 16.59
N PRO A 323 -4.90 -2.21 17.83
CA PRO A 323 -3.95 -1.16 18.21
C PRO A 323 -2.53 -1.63 18.09
N GLN A 324 -2.25 -2.89 18.48
CA GLN A 324 -0.90 -3.39 18.35
C GLN A 324 -0.44 -3.45 16.90
N ILE A 325 -1.28 -3.96 16.01
CA ILE A 325 -0.89 -3.98 14.61
C ILE A 325 -0.67 -2.58 14.09
N ARG A 326 -1.55 -1.64 14.41
CA ARG A 326 -1.38 -0.27 13.91
C ARG A 326 -0.03 0.28 14.31
N TRP A 327 0.39 0.00 15.53
CA TRP A 327 1.71 0.43 15.99
C TRP A 327 2.81 -0.26 15.22
N HIS A 328 2.71 -1.57 15.07
CA HIS A 328 3.69 -2.35 14.34
C HIS A 328 3.77 -1.98 12.87
N GLN A 329 2.67 -1.46 12.28
CA GLN A 329 2.73 -1.01 10.91
C GLN A 329 3.70 0.12 10.70
N THR A 330 4.03 0.85 11.75
CA THR A 330 5.01 1.90 11.71
C THR A 330 6.36 1.48 12.25
N ALA A 331 6.56 0.17 12.39
CA ALA A 331 7.77 -0.36 13.02
C ALA A 331 7.93 0.23 14.42
N ASP A 332 6.78 0.50 15.07
CA ASP A 332 6.73 0.93 16.47
C ASP A 332 7.27 2.34 16.70
N PHE A 333 7.31 3.15 15.63
CA PHE A 333 7.65 4.56 15.73
C PHE A 333 6.45 5.48 15.89
N GLY A 334 5.32 5.10 15.29
CA GLY A 334 4.15 5.95 15.28
C GLY A 334 3.95 6.75 14.01
N TYR A 335 5.00 6.83 13.19
CA TYR A 335 5.03 7.63 11.98
C TYR A 335 5.94 6.96 10.98
N VAL A 336 5.71 7.29 9.70
CA VAL A 336 6.59 6.91 8.61
C VAL A 336 6.73 8.13 7.71
N PRO A 337 7.86 8.28 7.03
CA PRO A 337 9.03 7.41 7.04
C PRO A 337 9.76 7.45 8.34
N ASN A 338 10.52 6.41 8.61
CA ASN A 338 11.33 6.37 9.81
C ASN A 338 12.62 5.59 9.53
N LEU A 339 13.46 5.45 10.56
CA LEU A 339 14.79 4.87 10.37
C LEU A 339 14.75 3.47 9.76
N ARG A 340 13.71 2.68 10.05
CA ARG A 340 13.58 1.33 9.55
C ARG A 340 12.73 1.20 8.32
N MET A 341 12.08 2.27 7.92
CA MET A 341 11.10 2.28 6.83
C MET A 341 11.34 3.52 5.99
N PRO A 342 12.46 3.57 5.29
CA PRO A 342 12.71 4.74 4.45
C PRO A 342 11.70 4.83 3.30
N ASN A 343 11.41 6.05 2.90
CA ASN A 343 10.58 6.32 1.72
C ASN A 343 9.25 5.60 1.77
N THR A 344 8.63 5.59 2.96
CA THR A 344 7.31 5.08 3.13
C THR A 344 6.38 6.19 3.60
N PHE A 345 5.08 5.96 3.38
CA PHE A 345 4.03 6.90 3.74
C PHE A 345 2.82 6.11 4.17
N MET A 346 2.04 6.71 5.07
CA MET A 346 0.91 6.06 5.71
C MET A 346 -0.32 6.95 5.72
N ALA A 347 -1.47 6.33 5.49
CA ALA A 347 -2.76 6.96 5.75
C ALA A 347 -3.32 6.38 7.05
N VAL A 348 -3.67 7.24 7.99
CA VAL A 348 -4.44 6.81 9.16
C VAL A 348 -5.87 6.55 8.73
N ALA A 349 -6.46 5.46 9.21
CA ALA A 349 -7.85 5.15 8.89
C ALA A 349 -8.73 4.84 10.10
N MET A 350 -8.20 4.94 11.31
CA MET A 350 -8.98 4.57 12.48
C MET A 350 -10.21 5.40 12.68
N ASP A 351 -10.26 6.62 12.16
CA ASP A 351 -11.39 7.51 12.24
C ASP A 351 -12.33 7.38 11.06
N LEU A 352 -12.08 6.43 10.18
CA LEU A 352 -12.87 6.28 8.96
C LEU A 352 -13.81 5.07 9.03
N CYS A 353 -14.38 4.89 10.23
CA CYS A 353 -15.21 3.74 10.61
C CYS A 353 -16.59 3.82 10.01
N ASP A 354 -17.26 2.69 10.04
CA ASP A 354 -18.57 2.55 9.37
C ASP A 354 -19.39 1.51 10.12
N ARG A 355 -20.30 1.97 10.95
CA ARG A 355 -21.10 1.06 11.76
C ARG A 355 -22.01 0.22 10.94
N LYS A 356 -22.50 0.70 9.77
CA LYS A 356 -23.58 0.09 9.02
C LYS A 356 -23.16 -0.50 7.68
N SER A 357 -21.89 -0.75 7.47
CA SER A 357 -21.45 -1.28 6.17
C SER A 357 -22.16 -2.60 5.90
N PRO A 358 -22.71 -2.80 4.71
CA PRO A 358 -23.30 -4.10 4.41
C PRO A 358 -22.29 -5.21 4.24
N PHE A 359 -21.02 -4.84 4.18
CA PHE A 359 -19.93 -5.80 4.12
C PHE A 359 -19.31 -6.06 5.49
N GLY A 360 -19.96 -5.56 6.54
CA GLY A 360 -19.41 -5.64 7.87
C GLY A 360 -18.57 -4.41 8.20
N SER A 361 -18.53 -4.05 9.49
CA SER A 361 -17.76 -2.90 9.93
C SER A 361 -16.29 -3.04 9.63
N ILE A 362 -15.79 -4.26 9.46
CA ILE A 362 -14.40 -4.43 9.04
C ILE A 362 -14.12 -3.88 7.65
N HIS A 363 -15.18 -3.64 6.85
CA HIS A 363 -15.10 -3.15 5.48
C HIS A 363 -15.80 -1.80 5.37
N PRO A 364 -15.21 -0.75 5.93
CA PRO A 364 -15.90 0.54 5.89
C PRO A 364 -15.95 1.10 4.49
N ARG A 365 -17.01 1.82 4.19
CA ARG A 365 -17.28 2.28 2.85
C ARG A 365 -16.60 3.58 2.44
N ASP A 366 -15.99 4.32 3.35
CA ASP A 366 -15.31 5.54 2.94
C ASP A 366 -13.87 5.17 2.54
N LYS A 367 -13.70 4.82 1.27
CA LYS A 367 -12.37 4.68 0.72
C LYS A 367 -11.84 5.97 0.11
N GLN A 368 -12.72 6.94 -0.13
CA GLN A 368 -12.29 8.22 -0.65
C GLN A 368 -11.28 8.91 0.28
N THR A 369 -11.56 8.93 1.58
CA THR A 369 -10.64 9.63 2.48
C THR A 369 -9.34 8.84 2.60
N VAL A 370 -9.43 7.50 2.57
CA VAL A 370 -8.23 6.68 2.60
C VAL A 370 -7.31 7.06 1.42
N ALA A 371 -7.88 7.08 0.22
CA ALA A 371 -7.10 7.39 -0.95
C ALA A 371 -6.58 8.83 -0.94
N TYR A 372 -7.37 9.78 -0.40
CA TYR A 372 -6.93 11.15 -0.29
C TYR A 372 -5.71 11.25 0.62
N ARG A 373 -5.81 10.59 1.77
CA ARG A 373 -4.72 10.63 2.74
C ARG A 373 -3.48 9.93 2.21
N LEU A 374 -3.66 8.80 1.48
CA LEU A 374 -2.53 8.15 0.83
C LEU A 374 -1.89 9.07 -0.18
N HIS A 375 -2.70 9.75 -0.99
CA HIS A 375 -2.12 10.57 -2.04
CA HIS A 375 -2.15 10.59 -2.04
C HIS A 375 -1.32 11.75 -1.49
N LEU A 376 -1.70 12.28 -0.32
CA LEU A 376 -0.85 13.32 0.28
C LEU A 376 0.54 12.78 0.59
N GLY A 377 0.62 11.55 1.14
CA GLY A 377 1.92 10.97 1.43
C GLY A 377 2.67 10.66 0.15
N ALA A 378 1.97 10.23 -0.89
CA ALA A 378 2.67 10.01 -2.15
C ALA A 378 3.22 11.32 -2.68
N ARG A 379 2.44 12.40 -2.62
CA ARG A 379 2.94 13.66 -3.11
C ARG A 379 4.23 14.04 -2.41
N ALA A 380 4.27 13.89 -1.08
CA ALA A 380 5.46 14.24 -0.32
C ALA A 380 6.60 13.26 -0.58
N VAL A 381 6.37 11.97 -0.37
CA VAL A 381 7.45 10.99 -0.33
C VAL A 381 7.83 10.49 -1.71
N ALA A 382 6.83 10.25 -2.54
CA ALA A 382 7.07 9.76 -3.89
C ALA A 382 7.35 10.84 -4.91
N TYR A 383 6.92 12.08 -4.66
CA TYR A 383 7.08 13.13 -5.65
C TYR A 383 7.82 14.34 -5.10
N GLY A 384 8.20 14.36 -3.83
CA GLY A 384 9.07 15.42 -3.32
C GLY A 384 8.39 16.72 -3.02
N GLU A 385 7.06 16.74 -2.99
CA GLU A 385 6.31 17.97 -2.72
C GLU A 385 6.31 18.30 -1.23
N LYS A 386 6.41 19.57 -0.91
CA LYS A 386 6.29 20.07 0.47
C LYS A 386 4.81 20.19 0.80
N VAL A 387 4.24 19.07 1.20
CA VAL A 387 2.84 19.00 1.58
CA VAL A 387 2.82 18.97 1.55
C VAL A 387 2.73 18.22 2.86
N ILE A 388 1.82 18.65 3.75
CA ILE A 388 1.60 17.95 5.01
C ILE A 388 0.91 16.62 4.73
N PHE A 389 1.48 15.56 5.29
CA PHE A 389 0.97 14.20 5.09
C PHE A 389 0.97 13.37 6.36
N GLN A 390 1.49 13.90 7.48
CA GLN A 390 1.52 13.24 8.77
C GLN A 390 0.62 14.00 9.72
N GLY A 391 -0.09 13.30 10.60
CA GLY A 391 -0.92 13.92 11.59
C GLY A 391 -0.13 14.29 12.82
N PRO A 392 -0.71 15.10 13.72
CA PRO A 392 0.06 15.59 14.88
C PRO A 392 0.42 14.46 15.84
N LEU A 393 1.68 14.40 16.24
CA LEU A 393 2.21 13.41 17.16
C LEU A 393 3.10 14.11 18.17
N PRO A 394 3.05 13.74 19.44
CA PRO A 394 3.98 14.38 20.39
C PRO A 394 5.42 14.17 19.98
N GLU A 395 6.22 15.22 20.08
CA GLU A 395 7.66 15.21 19.91
C GLU A 395 8.39 15.11 21.22
N LYS A 396 7.77 15.61 22.28
CA LYS A 396 8.34 15.54 23.60
C LYS A 396 7.21 15.56 24.60
N MET A 397 7.55 15.12 25.80
CA MET A 397 6.64 15.09 26.92
C MET A 397 7.35 15.59 28.15
N GLU A 398 6.57 16.18 29.07
CA GLU A 398 7.09 16.70 30.32
C GLU A 398 6.15 16.30 31.44
N LEU A 399 6.66 15.45 32.33
CA LEU A 399 5.90 14.99 33.47
C LEU A 399 6.15 15.96 34.61
N LEU A 400 5.06 16.52 35.15
CA LEU A 400 5.09 17.40 36.32
C LEU A 400 4.41 16.67 37.47
N ALA A 401 5.15 15.75 38.10
CA ALA A 401 4.55 14.84 39.06
C ALA A 401 3.97 15.60 40.24
N ASP A 402 4.67 16.65 40.70
CA ASP A 402 4.20 17.41 41.84
C ASP A 402 2.87 18.11 41.57
N LYS A 403 2.62 18.51 40.34
CA LYS A 403 1.37 19.16 39.97
C LYS A 403 0.33 18.18 39.45
N GLY A 404 0.70 16.92 39.28
CA GLY A 404 -0.24 15.99 38.74
C GLY A 404 -0.59 16.26 37.29
N LEU A 405 0.39 16.65 36.49
CA LEU A 405 0.18 17.00 35.10
C LEU A 405 1.17 16.30 34.20
N LEU A 406 0.77 16.07 32.97
CA LEU A 406 1.62 15.54 31.92
C LEU A 406 1.41 16.40 30.69
N ASN A 407 2.47 17.08 30.23
CA ASN A 407 2.39 17.92 29.04
C ASN A 407 2.88 17.13 27.84
N LEU A 408 2.13 17.21 26.75
CA LEU A 408 2.52 16.62 25.47
C LEU A 408 2.73 17.76 24.48
N MET A 409 3.93 17.84 23.93
CA MET A 409 4.32 18.91 23.02
C MET A 409 4.33 18.33 21.62
N TYR A 410 3.41 18.80 20.79
CA TYR A 410 3.18 18.26 19.48
C TYR A 410 4.06 18.86 18.43
N SER A 411 4.22 18.03 17.38
CA SER A 411 4.93 18.27 16.15
C SER A 411 4.36 19.38 15.28
N GLN A 412 3.10 19.66 15.46
CA GLN A 412 2.30 20.51 14.58
C GLN A 412 1.21 21.07 15.47
N GLU A 413 0.48 22.04 14.93
CA GLU A 413 -0.71 22.56 15.61
C GLU A 413 -1.77 21.50 15.74
N ILE A 414 -2.59 21.66 16.78
CA ILE A 414 -3.60 20.68 17.14
C ILE A 414 -4.94 21.39 17.30
N GLN A 415 -5.98 20.71 16.89
CA GLN A 415 -7.37 21.04 17.13
C GLN A 415 -7.91 19.92 17.99
N VAL A 416 -8.36 20.26 19.19
CA VAL A 416 -8.65 19.28 20.22
C VAL A 416 -10.08 19.44 20.70
N GLN A 417 -10.83 18.36 20.59
CA GLN A 417 -12.14 18.22 21.21
CA GLN A 417 -12.11 18.29 21.24
C GLN A 417 -11.97 17.61 22.60
N ARG A 418 -12.63 18.17 23.62
CA ARG A 418 -12.50 17.61 24.96
C ARG A 418 -12.91 16.14 24.92
N GLN A 419 -12.08 15.27 25.48
CA GLN A 419 -12.36 13.85 25.48
C GLN A 419 -11.46 13.27 26.56
N ASP A 420 -12.04 12.90 27.70
CA ASP A 420 -11.27 12.57 28.89
C ASP A 420 -10.88 11.10 29.02
N LYS A 421 -11.13 10.31 27.99
CA LYS A 421 -10.79 8.89 27.99
C LYS A 421 -9.90 8.47 26.81
N ILE A 422 -9.66 9.34 25.84
CA ILE A 422 -8.89 8.96 24.66
C ILE A 422 -7.44 8.74 25.03
N PHE A 423 -6.92 9.47 25.99
CA PHE A 423 -5.59 9.21 26.52
C PHE A 423 -5.70 8.35 27.77
N GLU A 424 -4.73 7.46 27.94
CA GLU A 424 -4.60 6.68 29.13
C GLU A 424 -3.16 6.74 29.61
N ILE A 425 -2.98 6.60 30.92
CA ILE A 425 -1.66 6.58 31.53
C ILE A 425 -1.51 5.27 32.28
N SER A 426 -0.29 4.76 32.27
CA SER A 426 0.02 3.53 32.99
C SER A 426 0.53 3.91 34.35
N CYS A 427 -0.23 3.55 35.37
CA CYS A 427 0.01 3.96 36.75
C CYS A 427 0.51 2.76 37.51
N CYS A 428 1.69 2.90 38.11
CA CYS A 428 2.34 1.78 38.77
C CYS A 428 2.43 2.04 40.26
N SER A 429 1.93 1.09 41.03
CA SER A 429 2.01 1.18 42.48
C SER A 429 1.95 -0.23 43.04
N ASP A 430 2.66 -0.44 44.15
CA ASP A 430 2.63 -1.74 44.82
C ASP A 430 2.93 -2.88 43.86
N HIS A 431 3.87 -2.61 42.97
CA HIS A 431 4.48 -3.61 42.08
C HIS A 431 3.51 -4.11 41.03
N GLN A 432 2.50 -3.30 40.70
CA GLN A 432 1.59 -3.57 39.60
C GLN A 432 1.30 -2.29 38.86
N CYS A 433 0.94 -2.39 37.59
CA CYS A 433 0.59 -1.22 36.79
C CYS A 433 -0.78 -1.43 36.17
N LYS A 434 -1.53 -0.33 36.04
CA LYS A 434 -2.86 -0.33 35.46
C LYS A 434 -2.99 0.90 34.56
N TRP A 435 -3.69 0.74 33.45
CA TRP A 435 -4.02 1.86 32.59
C TRP A 435 -5.25 2.58 33.09
N LEU A 436 -5.13 3.89 33.25
CA LEU A 436 -6.20 4.76 33.73
C LEU A 436 -6.46 5.84 32.68
N PRO A 437 -7.70 6.31 32.54
CA PRO A 437 -7.95 7.44 31.65
C PRO A 437 -7.32 8.70 32.21
N ALA A 438 -6.87 9.55 31.32
CA ALA A 438 -6.20 10.80 31.66
C ALA A 438 -6.98 11.98 31.11
N PRO A 439 -7.71 12.70 31.96
CA PRO A 439 -8.49 13.84 31.45
C PRO A 439 -7.62 14.93 30.86
N MET A 440 -8.20 15.65 29.90
CA MET A 440 -7.54 16.83 29.32
C MET A 440 -7.75 18.00 30.26
N ASP A 441 -6.66 18.64 30.66
CA ASP A 441 -6.74 19.75 31.61
C ASP A 441 -6.54 21.12 31.00
N ALA A 442 -5.65 21.25 30.03
CA ALA A 442 -5.33 22.58 29.51
C ALA A 442 -4.75 22.44 28.10
N PHE A 443 -4.79 23.55 27.37
CA PHE A 443 -4.49 23.56 25.95
C PHE A 443 -3.73 24.82 25.60
N SER A 444 -2.74 24.62 24.74
CA SER A 444 -2.23 25.69 23.92
CA SER A 444 -2.14 25.69 23.94
C SER A 444 -1.98 25.20 22.48
N ALA A 445 -1.49 26.06 21.59
CA ALA A 445 -1.51 25.73 20.16
C ALA A 445 -0.88 24.38 19.83
N GLN A 446 0.31 24.08 20.55
CA GLN A 446 0.99 22.81 20.35
CA GLN A 446 0.99 22.82 20.34
C GLN A 446 1.23 22.01 21.60
N THR A 447 0.68 22.37 22.74
CA THR A 447 0.88 21.62 23.98
C THR A 447 -0.46 21.26 24.57
N LEU A 448 -0.66 19.98 24.83
CA LEU A 448 -1.84 19.51 25.54
C LEU A 448 -1.41 19.03 26.91
N THR A 449 -2.11 19.48 27.92
CA THR A 449 -1.87 19.08 29.30
C THR A 449 -2.91 18.10 29.76
N LEU A 450 -2.46 16.94 30.24
CA LEU A 450 -3.29 15.90 30.80
C LEU A 450 -3.17 15.93 32.32
N SER A 451 -4.26 15.61 33.00
CA SER A 451 -4.25 15.43 34.44
CA SER A 451 -4.26 15.43 34.44
C SER A 451 -3.90 14.00 34.77
N THR A 452 -2.93 13.83 35.68
CA THR A 452 -2.54 12.52 36.14
C THR A 452 -2.89 12.29 37.59
N GLY A 453 -3.70 13.17 38.21
CA GLY A 453 -3.92 13.10 39.65
C GLY A 453 -4.61 11.83 40.11
N SER A 454 -5.29 11.13 39.19
CA SER A 454 -5.92 9.88 39.57
C SER A 454 -4.92 8.76 39.74
N CYS A 455 -3.68 8.98 39.33
CA CYS A 455 -2.61 8.02 39.53
C CYS A 455 -1.89 8.32 40.84
N HIS A 456 -2.05 7.40 41.79
CA HIS A 456 -1.40 7.46 43.07
C HIS A 456 -0.27 6.44 43.04
N GLY A 457 0.73 6.78 42.28
CA GLY A 457 1.88 5.95 42.06
C GLY A 457 2.78 6.62 41.05
N THR A 458 3.51 5.84 40.29
CA THR A 458 4.42 6.38 39.31
C THR A 458 3.85 6.17 37.90
N LEU A 459 4.14 7.09 37.03
CA LEU A 459 3.61 7.06 35.68
CA LEU A 459 3.61 7.06 35.68
C LEU A 459 4.65 6.45 34.77
N ALA A 460 4.31 5.31 34.16
CA ALA A 460 5.24 4.56 33.32
C ALA A 460 5.09 4.85 31.84
N ALA A 461 3.92 5.28 31.40
CA ALA A 461 3.66 5.38 29.97
C ALA A 461 2.37 6.17 29.77
N VAL A 462 2.19 6.64 28.55
CA VAL A 462 0.95 7.28 28.11
C VAL A 462 0.63 6.72 26.72
N ARG A 463 -0.64 6.58 26.43
CA ARG A 463 -1.09 6.13 25.12
C ARG A 463 -2.32 6.93 24.70
N TYR A 464 -2.56 6.97 23.38
CA TYR A 464 -3.61 7.74 22.77
C TYR A 464 -4.31 6.87 21.72
N ALA A 465 -5.63 6.87 21.78
CA ALA A 465 -6.46 6.19 20.80
C ALA A 465 -6.12 4.71 20.68
N TRP A 466 -5.81 4.10 21.82
CA TRP A 466 -5.32 2.71 21.86
C TRP A 466 -6.51 1.78 22.07
N ALA A 467 -7.35 1.73 21.04
CA ALA A 467 -8.57 0.94 21.07
C ALA A 467 -8.89 0.55 19.64
N THR A 468 -9.54 -0.61 19.49
CA THR A 468 -9.94 -1.05 18.17
C THR A 468 -10.81 -0.01 17.49
N TRP A 469 -11.75 0.57 18.22
CA TRP A 469 -12.71 1.53 17.70
C TRP A 469 -12.55 2.77 18.58
N PRO A 470 -11.60 3.67 18.27
CA PRO A 470 -11.30 4.76 19.19
C PRO A 470 -12.23 5.94 19.10
N CYS A 471 -13.02 6.03 18.03
CA CYS A 471 -13.84 7.20 17.76
C CYS A 471 -14.90 6.88 16.73
N GLU A 472 -15.91 7.73 16.71
CA GLU A 472 -16.88 7.74 15.66
C GLU A 472 -16.30 8.43 14.41
N TYR A 473 -17.00 8.27 13.31
CA TYR A 473 -16.51 8.67 11.99
C TYR A 473 -16.10 10.13 11.97
N LYS A 474 -14.81 10.37 11.67
CA LYS A 474 -14.22 11.70 11.58
C LYS A 474 -14.46 12.52 12.83
N GLN A 475 -14.53 11.84 13.96
CA GLN A 475 -14.73 12.46 15.26
C GLN A 475 -13.69 12.03 16.28
N CYS A 476 -12.49 11.70 15.81
CA CYS A 476 -11.42 11.54 16.78
C CYS A 476 -11.13 12.84 17.47
N PRO A 477 -10.54 12.82 18.65
CA PRO A 477 -10.44 14.07 19.39
C PRO A 477 -9.46 15.06 18.84
N ILE A 478 -8.38 14.61 18.21
CA ILE A 478 -7.31 15.52 17.78
C ILE A 478 -7.08 15.41 16.29
N TYR A 479 -7.16 16.54 15.61
CA TYR A 479 -6.81 16.71 14.20
C TYR A 479 -5.85 17.88 14.10
N HIS A 480 -5.13 17.96 13.00
CA HIS A 480 -4.50 19.22 12.66
C HIS A 480 -5.62 20.22 12.32
N PRO A 481 -5.43 21.52 12.57
CA PRO A 481 -6.55 22.45 12.35
C PRO A 481 -6.90 22.71 10.90
N SER A 482 -6.01 22.36 9.93
CA SER A 482 -6.34 22.58 8.54
C SER A 482 -6.02 21.45 7.58
N SER A 483 -5.10 20.54 7.90
CA SER A 483 -4.70 19.50 6.95
C SER A 483 -5.74 18.42 6.82
N THR A 484 -6.68 18.38 7.74
CA THR A 484 -7.72 17.36 7.90
C THR A 484 -7.19 16.05 8.43
N LEU A 485 -5.92 15.97 8.81
CA LEU A 485 -5.37 14.68 9.23
C LEU A 485 -5.54 14.47 10.74
N PRO A 486 -5.90 13.27 11.12
CA PRO A 486 -6.03 12.95 12.54
C PRO A 486 -4.68 12.75 13.18
N ALA A 487 -4.59 13.02 14.44
CA ALA A 487 -3.49 12.58 15.25
C ALA A 487 -3.43 11.05 15.25
N PRO A 488 -2.29 10.43 14.93
CA PRO A 488 -2.20 8.97 14.93
C PRO A 488 -2.22 8.42 16.35
N PRO A 489 -2.57 7.15 16.49
CA PRO A 489 -2.45 6.49 17.79
C PRO A 489 -0.99 6.36 18.18
N PHE A 490 -0.74 6.32 19.49
CA PHE A 490 0.65 6.09 19.90
C PHE A 490 0.71 5.59 21.32
N ILE A 491 1.86 5.06 21.67
CA ILE A 491 2.25 4.79 23.05
C ILE A 491 3.64 5.38 23.24
N ALA A 492 3.90 5.95 24.43
CA ALA A 492 5.18 6.51 24.75
C ALA A 492 5.52 6.17 26.20
N PHE A 493 6.72 5.67 26.44
CA PHE A 493 7.16 5.31 27.77
C PHE A 493 7.92 6.45 28.41
N MET A 494 7.68 6.62 29.69
CA MET A 494 8.42 7.63 30.41
C MET A 494 9.85 7.13 30.64
N THR A 495 10.77 8.07 30.74
CA THR A 495 12.13 7.75 31.14
C THR A 495 12.16 7.44 32.64
#